data_5EPE
#
_entry.id   5EPE
#
_cell.length_a   157.536
_cell.length_b   157.536
_cell.length_c   157.536
_cell.angle_alpha   90.000
_cell.angle_beta   90.000
_cell.angle_gamma   90.000
#
_symmetry.space_group_name_H-M   'F 2 3'
#
loop_
_entity.id
_entity.type
_entity.pdbx_description
1 polymer 'SAM-dependent methyltransferase'
2 non-polymer S-ADENOSYL-L-HOMOCYSTEINE
3 non-polymer 'SODIUM ION'
4 water water
#
_entity_poly.entity_id   1
_entity_poly.type   'polypeptide(L)'
_entity_poly.pdbx_seq_one_letter_code
;(MSE)DIPRIFNITESAHRIHNPFTPEKLATLGAALRLEAGARVLDLGSGSGE(MSE)LCTWARDHGIVGTGIDLSQLFT
EQAKRRAEALGVAGQVKFIHGDAAGYVSDEKVDVAACVGASWIAGGVAGTITLLAQSLEPGGIIL(MSE)GEPFWRKLPT
TEAVAKACHANTISDFLLLPEFLASFRKLGYDVVE(MSE)VLADQDSWDRYEAAKWLT(MSE)RRWLDANPEDELAEEVR
AQLSSEPERYATNTREYLGWGVFAL(MSE)AR
;
_entity_poly.pdbx_strand_id   A
#
loop_
_chem_comp.id
_chem_comp.type
_chem_comp.name
_chem_comp.formula
NA non-polymer 'SODIUM ION' 'Na 1'
SAH non-polymer S-ADENOSYL-L-HOMOCYSTEINE 'C14 H20 N6 O5 S'
#
# COMPACT_ATOMS: atom_id res chain seq x y z
N MSE A 1 -0.55 -13.97 15.34
CA MSE A 1 -1.20 -12.64 15.40
C MSE A 1 -1.62 -12.11 14.02
O MSE A 1 -1.39 -12.71 12.96
CB MSE A 1 -0.35 -11.66 16.25
CG MSE A 1 0.77 -10.86 15.56
SE MSE A 1 0.92 -9.01 16.29
CE MSE A 1 2.78 -8.49 15.81
N ASP A 2 -2.28 -10.96 14.07
CA ASP A 2 -3.06 -10.43 12.97
C ASP A 2 -3.14 -8.91 13.08
N ILE A 3 -3.83 -8.32 12.12
CA ILE A 3 -4.21 -6.90 12.20
C ILE A 3 -5.59 -6.80 12.86
N PRO A 4 -5.97 -5.62 13.34
CA PRO A 4 -7.28 -5.52 14.01
C PRO A 4 -8.46 -5.88 13.09
N ARG A 5 -9.50 -6.39 13.74
CA ARG A 5 -10.59 -7.04 13.05
C ARG A 5 -11.33 -6.11 12.11
N ILE A 6 -11.44 -4.85 12.50
CA ILE A 6 -12.15 -3.87 11.72
C ILE A 6 -11.55 -3.66 10.32
N PHE A 7 -10.22 -3.73 10.21
CA PHE A 7 -9.58 -3.62 8.90
C PHE A 7 -9.91 -4.79 8.05
N ASN A 8 -9.97 -5.99 8.64
CA ASN A 8 -10.27 -7.17 7.86
C ASN A 8 -11.72 -7.07 7.37
N ILE A 9 -12.61 -6.53 8.19
CA ILE A 9 -14.01 -6.37 7.80
C ILE A 9 -14.19 -5.32 6.65
N THR A 10 -13.55 -4.18 6.81
CA THR A 10 -13.71 -3.07 5.92
C THR A 10 -13.10 -3.35 4.56
N GLU A 11 -11.94 -4.05 4.55
CA GLU A 11 -11.19 -4.26 3.33
C GLU A 11 -11.20 -5.68 2.79
N SER A 12 -12.15 -6.47 3.24
CA SER A 12 -12.18 -7.91 2.86
C SER A 12 -12.39 -8.10 1.34
N ALA A 13 -12.97 -7.12 0.67
CA ALA A 13 -13.25 -7.23 -0.74
C ALA A 13 -12.29 -6.39 -1.56
N HIS A 14 -11.24 -5.83 -0.98
CA HIS A 14 -10.25 -5.05 -1.75
C HIS A 14 -9.16 -5.99 -2.31
N ARG A 15 -8.80 -5.85 -3.58
CA ARG A 15 -7.57 -6.46 -4.10
C ARG A 15 -6.36 -5.58 -3.79
N ILE A 16 -6.56 -4.26 -3.83
CA ILE A 16 -5.52 -3.28 -3.60
C ILE A 16 -5.90 -2.46 -2.37
N HIS A 17 -5.09 -2.53 -1.31
CA HIS A 17 -5.34 -1.89 -0.07
C HIS A 17 -4.66 -0.51 -0.01
N ASN A 18 -4.88 0.30 -1.02
CA ASN A 18 -4.28 1.58 -1.14
C ASN A 18 -5.04 2.30 -2.25
N PRO A 19 -4.84 3.62 -2.34
CA PRO A 19 -5.55 4.41 -3.42
C PRO A 19 -4.92 4.30 -4.82
N PHE A 20 -4.89 3.08 -5.34
CA PHE A 20 -4.37 2.78 -6.64
C PHE A 20 -5.41 1.90 -7.33
N THR A 21 -5.66 2.17 -8.58
CA THR A 21 -6.47 1.29 -9.39
C THR A 21 -5.65 0.14 -9.97
N PRO A 22 -6.32 -0.89 -10.55
CA PRO A 22 -5.57 -1.86 -11.35
C PRO A 22 -4.76 -1.21 -12.47
N GLU A 23 -5.30 -0.14 -13.06
CA GLU A 23 -4.62 0.49 -14.19
C GLU A 23 -3.34 1.18 -13.68
N LYS A 24 -3.40 1.81 -12.51
CA LYS A 24 -2.20 2.40 -11.91
C LYS A 24 -1.15 1.38 -11.52
N LEU A 25 -1.58 0.29 -10.93
CA LEU A 25 -0.68 -0.79 -10.62
C LEU A 25 0.04 -1.37 -11.86
N ALA A 26 -0.67 -1.52 -12.98
CA ALA A 26 -0.06 -2.00 -14.20
C ALA A 26 0.88 -0.93 -14.77
N THR A 27 0.50 0.34 -14.69
CA THR A 27 1.36 1.42 -15.15
C THR A 27 2.69 1.38 -14.41
N LEU A 28 2.60 1.14 -13.10
CA LEU A 28 3.77 1.09 -12.26
C LEU A 28 4.68 -0.07 -12.71
N GLY A 29 4.11 -1.26 -12.89
CA GLY A 29 4.90 -2.42 -13.38
C GLY A 29 5.68 -2.12 -14.64
N ALA A 30 5.03 -1.48 -15.61
CA ALA A 30 5.69 -1.13 -16.87
C ALA A 30 6.68 0.00 -16.72
N ALA A 31 6.39 0.95 -15.85
CA ALA A 31 7.30 2.04 -15.60
C ALA A 31 8.62 1.55 -15.05
N LEU A 32 8.60 0.45 -14.30
CA LEU A 32 9.81 -0.06 -13.67
C LEU A 32 10.61 -0.89 -14.67
N ARG A 33 10.03 -1.17 -15.84
CA ARG A 33 10.71 -1.91 -16.93
C ARG A 33 11.15 -3.25 -16.39
N LEU A 34 10.23 -3.92 -15.72
CA LEU A 34 10.54 -5.17 -15.11
C LEU A 34 10.81 -6.21 -16.19
N GLU A 35 11.88 -6.97 -16.01
CA GLU A 35 12.25 -8.05 -16.91
C GLU A 35 11.81 -9.37 -16.31
N ALA A 36 11.56 -10.33 -17.18
CA ALA A 36 11.17 -11.66 -16.76
C ALA A 36 12.33 -12.18 -15.89
N GLY A 37 11.98 -12.82 -14.79
CA GLY A 37 12.98 -13.35 -13.89
C GLY A 37 13.42 -12.37 -12.83
N ALA A 38 13.04 -11.10 -12.94
CA ALA A 38 13.42 -10.14 -11.91
C ALA A 38 12.82 -10.60 -10.57
N ARG A 39 13.57 -10.40 -9.48
CA ARG A 39 13.17 -10.81 -8.14
C ARG A 39 12.63 -9.58 -7.38
N VAL A 40 11.48 -9.74 -6.76
CA VAL A 40 10.81 -8.69 -6.01
C VAL A 40 10.54 -9.17 -4.60
N LEU A 41 10.84 -8.34 -3.62
CA LEU A 41 10.42 -8.51 -2.23
C LEU A 41 9.41 -7.44 -1.90
N ASP A 42 8.28 -7.84 -1.31
CA ASP A 42 7.18 -6.90 -0.97
C ASP A 42 6.86 -7.07 0.51
N LEU A 43 7.22 -6.07 1.31
CA LEU A 43 6.91 -6.09 2.75
C LEU A 43 5.59 -5.36 3.05
N GLY A 44 4.63 -6.08 3.63
CA GLY A 44 3.27 -5.60 3.79
C GLY A 44 2.51 -5.73 2.50
N SER A 45 2.54 -6.95 1.95
CA SER A 45 2.07 -7.23 0.61
C SER A 45 0.54 -7.31 0.40
N GLY A 46 -0.24 -7.14 1.46
CA GLY A 46 -1.69 -7.08 1.36
C GLY A 46 -2.22 -8.36 0.81
N SER A 47 -3.06 -8.24 -0.23
CA SER A 47 -3.70 -9.37 -0.87
C SER A 47 -2.93 -9.84 -2.12
N GLY A 48 -1.67 -9.39 -2.22
CA GLY A 48 -0.70 -9.88 -3.19
C GLY A 48 -0.96 -9.41 -4.57
N GLU A 49 -1.75 -8.34 -4.74
CA GLU A 49 -2.16 -7.97 -6.08
C GLU A 49 -0.95 -7.52 -6.93
N MSE A 50 -0.05 -6.77 -6.31
CA MSE A 50 1.13 -6.29 -7.02
C MSE A 50 2.01 -7.45 -7.49
O MSE A 50 2.30 -7.54 -8.66
CB MSE A 50 1.93 -5.36 -6.09
CG MSE A 50 3.05 -4.77 -6.90
SE MSE A 50 3.96 -3.40 -5.74
CE MSE A 50 5.18 -4.54 -4.88
N LEU A 51 2.42 -8.31 -6.58
CA LEU A 51 3.17 -9.50 -7.00
C LEU A 51 2.46 -10.40 -8.01
N CYS A 52 1.17 -10.70 -7.81
CA CYS A 52 0.47 -11.60 -8.70
C CYS A 52 0.36 -11.03 -10.13
N THR A 53 -0.02 -9.76 -10.25
CA THR A 53 -0.24 -9.17 -11.57
C THR A 53 1.06 -8.94 -12.34
N TRP A 54 2.13 -8.53 -11.62
CA TRP A 54 3.46 -8.40 -12.24
C TRP A 54 4.06 -9.75 -12.62
N ALA A 55 3.78 -10.79 -11.85
CA ALA A 55 4.20 -12.13 -12.25
C ALA A 55 3.57 -12.52 -13.62
N ARG A 56 2.26 -12.30 -13.72
CA ARG A 56 1.45 -12.58 -14.91
C ARG A 56 1.91 -11.74 -16.08
N ASP A 57 2.11 -10.45 -15.83
CA ASP A 57 2.34 -9.54 -16.95
C ASP A 57 3.82 -9.36 -17.34
N HIS A 58 4.73 -9.54 -16.40
CA HIS A 58 6.15 -9.27 -16.63
C HIS A 58 7.06 -10.45 -16.39
N GLY A 59 6.53 -11.55 -15.86
CA GLY A 59 7.32 -12.74 -15.61
C GLY A 59 8.25 -12.61 -14.40
N ILE A 60 7.99 -11.68 -13.49
CA ILE A 60 8.79 -11.58 -12.26
C ILE A 60 8.55 -12.73 -11.30
N VAL A 61 9.47 -12.87 -10.36
CA VAL A 61 9.30 -13.80 -9.24
C VAL A 61 9.46 -13.02 -7.96
N GLY A 62 8.89 -13.52 -6.88
CA GLY A 62 9.03 -12.80 -5.62
C GLY A 62 8.35 -13.35 -4.41
N THR A 63 8.49 -12.58 -3.31
CA THR A 63 7.97 -12.94 -2.02
C THR A 63 7.25 -11.78 -1.38
N GLY A 64 6.08 -12.03 -0.81
CA GLY A 64 5.27 -11.03 -0.11
C GLY A 64 5.02 -11.46 1.33
N ILE A 65 5.35 -10.58 2.27
CA ILE A 65 5.11 -10.85 3.69
C ILE A 65 4.02 -9.94 4.18
N ASP A 66 3.02 -10.51 4.84
CA ASP A 66 1.94 -9.73 5.38
C ASP A 66 1.46 -10.28 6.71
N LEU A 67 1.14 -9.36 7.61
CA LEU A 67 0.68 -9.71 8.96
C LEU A 67 -0.78 -10.21 9.00
N SER A 68 -1.59 -9.87 8.00
CA SER A 68 -2.99 -10.31 7.99
C SER A 68 -3.11 -11.77 7.49
N GLN A 69 -3.82 -12.58 8.26
CA GLN A 69 -4.05 -13.95 7.87
C GLN A 69 -4.99 -14.01 6.69
N LEU A 70 -6.06 -13.24 6.80
CA LEU A 70 -7.06 -13.12 5.70
C LEU A 70 -6.38 -12.71 4.39
N PHE A 71 -5.64 -11.61 4.41
CA PHE A 71 -5.06 -11.07 3.17
C PHE A 71 -4.00 -12.02 2.60
N THR A 72 -3.24 -12.69 3.46
CA THR A 72 -2.33 -13.76 3.02
C THR A 72 -3.08 -14.89 2.28
N GLU A 73 -4.19 -15.33 2.84
CA GLU A 73 -5.01 -16.37 2.18
C GLU A 73 -5.54 -15.91 0.84
N GLN A 74 -5.92 -14.63 0.74
CA GLN A 74 -6.39 -14.07 -0.51
C GLN A 74 -5.30 -14.01 -1.52
N ALA A 75 -4.09 -13.65 -1.08
CA ALA A 75 -2.94 -13.56 -1.98
C ALA A 75 -2.64 -14.92 -2.60
N LYS A 76 -2.66 -15.93 -1.78
CA LYS A 76 -2.44 -17.33 -2.26
C LYS A 76 -3.55 -17.78 -3.24
N ARG A 77 -4.81 -17.45 -2.96
CA ARG A 77 -5.89 -17.76 -3.92
C ARG A 77 -5.74 -16.97 -5.22
N ARG A 78 -5.27 -15.73 -5.10
CA ARG A 78 -5.06 -14.87 -6.27
C ARG A 78 -3.97 -15.46 -7.21
N ALA A 79 -2.87 -15.94 -6.63
CA ALA A 79 -1.76 -16.48 -7.41
C ALA A 79 -2.20 -17.76 -8.15
N GLU A 80 -2.99 -18.56 -7.48
CA GLU A 80 -3.59 -19.73 -8.13
C GLU A 80 -4.49 -19.28 -9.27
N ALA A 81 -5.37 -18.31 -9.02
CA ALA A 81 -6.34 -17.88 -10.01
C ALA A 81 -5.65 -17.32 -11.26
N LEU A 82 -4.50 -16.66 -11.07
CA LEU A 82 -3.74 -16.07 -12.19
C LEU A 82 -2.74 -17.01 -12.88
N GLY A 83 -2.49 -18.15 -12.28
CA GLY A 83 -1.53 -19.11 -12.82
C GLY A 83 -0.09 -18.77 -12.56
N VAL A 84 0.17 -18.02 -11.48
CA VAL A 84 1.52 -17.58 -11.13
C VAL A 84 2.02 -18.06 -9.77
N ALA A 85 1.35 -19.05 -9.17
CA ALA A 85 1.83 -19.58 -7.87
C ALA A 85 3.31 -20.08 -7.90
N GLY A 86 3.76 -20.56 -9.07
CA GLY A 86 5.15 -20.97 -9.23
C GLY A 86 6.17 -19.82 -9.11
N GLN A 87 5.70 -18.58 -9.30
CA GLN A 87 6.57 -17.44 -9.37
C GLN A 87 6.57 -16.62 -8.06
N VAL A 88 5.46 -16.64 -7.31
CA VAL A 88 5.33 -15.73 -6.17
C VAL A 88 4.84 -16.45 -4.93
N LYS A 89 5.50 -16.17 -3.79
CA LYS A 89 5.29 -16.87 -2.51
C LYS A 89 4.80 -15.84 -1.51
N PHE A 90 3.77 -16.21 -0.75
CA PHE A 90 3.21 -15.34 0.29
C PHE A 90 3.37 -15.93 1.66
N ILE A 91 3.88 -15.11 2.58
CA ILE A 91 4.18 -15.58 3.91
C ILE A 91 3.36 -14.77 4.87
N HIS A 92 2.66 -15.48 5.78
CA HIS A 92 1.96 -14.80 6.86
C HIS A 92 2.92 -14.54 8.00
N GLY A 93 3.12 -13.26 8.34
CA GLY A 93 4.00 -12.89 9.44
C GLY A 93 4.37 -11.42 9.52
N ASP A 94 5.18 -11.09 10.53
CA ASP A 94 5.62 -9.73 10.81
C ASP A 94 6.84 -9.45 9.96
N ALA A 95 6.79 -8.40 9.14
CA ALA A 95 7.90 -8.07 8.26
C ALA A 95 9.00 -7.17 8.89
N ALA A 96 8.80 -6.73 10.13
CA ALA A 96 9.81 -5.95 10.82
C ALA A 96 11.14 -6.69 10.84
N GLY A 97 12.21 -5.98 10.50
CA GLY A 97 13.56 -6.56 10.42
C GLY A 97 13.76 -7.63 9.34
N TYR A 98 12.82 -7.79 8.42
CA TYR A 98 12.93 -8.86 7.42
C TYR A 98 14.03 -8.48 6.41
N VAL A 99 15.00 -9.37 6.29
CA VAL A 99 16.05 -9.28 5.27
C VAL A 99 16.12 -10.58 4.45
N SER A 100 16.10 -10.42 3.15
CA SER A 100 16.15 -11.52 2.20
C SER A 100 17.56 -12.12 2.14
N ASP A 101 17.61 -13.46 2.02
CA ASP A 101 18.88 -14.16 1.78
C ASP A 101 19.41 -13.95 0.37
N GLU A 102 18.61 -14.23 -0.63
CA GLU A 102 18.98 -13.90 -2.00
C GLU A 102 18.61 -12.39 -2.20
N LYS A 103 19.49 -11.62 -2.83
CA LYS A 103 19.21 -10.21 -3.13
C LYS A 103 18.07 -10.10 -4.12
N VAL A 104 17.40 -8.95 -4.16
CA VAL A 104 16.32 -8.72 -5.06
C VAL A 104 16.59 -7.49 -5.93
N ASP A 105 15.91 -7.46 -7.07
CA ASP A 105 16.03 -6.35 -8.02
C ASP A 105 15.11 -5.19 -7.64
N VAL A 106 14.02 -5.50 -6.96
CA VAL A 106 13.06 -4.51 -6.47
C VAL A 106 12.66 -4.88 -5.04
N ALA A 107 12.88 -3.96 -4.11
CA ALA A 107 12.48 -4.17 -2.72
C ALA A 107 11.48 -3.08 -2.35
N ALA A 108 10.27 -3.52 -1.96
CA ALA A 108 9.11 -2.62 -1.90
C ALA A 108 8.46 -2.62 -0.54
N CYS A 109 8.00 -1.47 -0.09
CA CYS A 109 7.05 -1.37 0.99
C CYS A 109 5.98 -0.32 0.54
N VAL A 110 4.81 -0.81 0.18
CA VAL A 110 3.79 0.01 -0.41
C VAL A 110 2.71 0.30 0.64
N GLY A 111 2.93 1.34 1.39
CA GLY A 111 2.01 1.83 2.43
C GLY A 111 2.06 1.05 3.71
N ALA A 112 3.24 0.62 4.13
CA ALA A 112 3.38 -0.08 5.40
C ALA A 112 4.66 0.30 6.12
N SER A 113 5.09 1.55 6.01
CA SER A 113 6.44 1.93 6.47
C SER A 113 6.59 2.03 8.01
N TRP A 114 5.50 1.96 8.78
CA TRP A 114 5.62 1.83 10.25
C TRP A 114 6.36 0.53 10.67
N ILE A 115 6.42 -0.45 9.78
CA ILE A 115 7.21 -1.66 9.96
C ILE A 115 8.64 -1.40 10.43
N ALA A 116 9.28 -0.35 9.93
CA ALA A 116 10.61 -0.03 10.37
C ALA A 116 10.64 1.37 10.89
N GLY A 117 9.51 1.81 11.42
CA GLY A 117 9.45 3.07 12.14
C GLY A 117 9.49 4.27 11.28
N GLY A 118 9.06 4.17 10.03
CA GLY A 118 8.92 5.31 9.17
C GLY A 118 9.63 5.10 7.85
N VAL A 119 9.51 6.11 7.01
CA VAL A 119 10.04 6.07 5.65
C VAL A 119 11.54 5.79 5.62
N ALA A 120 12.34 6.55 6.38
CA ALA A 120 13.78 6.38 6.38
C ALA A 120 14.19 5.05 6.90
N GLY A 121 13.55 4.62 7.99
CA GLY A 121 13.87 3.32 8.55
C GLY A 121 13.58 2.18 7.58
N THR A 122 12.44 2.31 6.91
CA THR A 122 12.02 1.27 5.95
C THR A 122 12.95 1.21 4.75
N ILE A 123 13.33 2.37 4.20
CA ILE A 123 14.31 2.41 3.14
C ILE A 123 15.59 1.68 3.57
N THR A 124 16.08 1.98 4.78
CA THR A 124 17.30 1.34 5.27
C THR A 124 17.11 -0.17 5.37
N LEU A 125 15.93 -0.63 5.82
CA LEU A 125 15.68 -2.07 5.90
C LEU A 125 15.68 -2.73 4.50
N LEU A 126 14.93 -2.16 3.56
CA LEU A 126 14.78 -2.70 2.21
C LEU A 126 16.12 -2.75 1.50
N ALA A 127 16.93 -1.72 1.70
CA ALA A 127 18.31 -1.66 1.17
C ALA A 127 19.16 -2.88 1.52
N GLN A 128 18.91 -3.50 2.67
CA GLN A 128 19.65 -4.69 3.07
C GLN A 128 19.36 -5.90 2.19
N SER A 129 18.21 -5.90 1.53
CA SER A 129 17.81 -7.01 0.65
C SER A 129 18.13 -6.76 -0.82
N LEU A 130 18.67 -5.59 -1.13
CA LEU A 130 18.70 -5.10 -2.49
C LEU A 130 19.99 -5.44 -3.24
N GLU A 131 19.82 -5.94 -4.47
CA GLU A 131 20.93 -6.13 -5.40
C GLU A 131 21.52 -4.73 -5.76
N PRO A 132 22.86 -4.56 -5.78
CA PRO A 132 23.44 -3.29 -6.33
C PRO A 132 22.85 -2.95 -7.71
N GLY A 133 22.36 -1.73 -7.87
CA GLY A 133 21.65 -1.32 -9.09
C GLY A 133 20.14 -1.60 -9.11
N GLY A 134 19.62 -2.14 -8.01
CA GLY A 134 18.19 -2.39 -7.85
C GLY A 134 17.44 -1.14 -7.45
N ILE A 135 16.12 -1.32 -7.35
CA ILE A 135 15.20 -0.21 -7.06
C ILE A 135 14.46 -0.46 -5.75
N ILE A 136 14.31 0.59 -4.96
CA ILE A 136 13.48 0.54 -3.75
C ILE A 136 12.15 1.28 -4.10
N LEU A 137 11.04 0.66 -3.71
CA LEU A 137 9.68 1.22 -3.91
C LEU A 137 9.06 1.56 -2.60
N MSE A 138 8.63 2.82 -2.47
CA MSE A 138 7.92 3.30 -1.27
C MSE A 138 6.59 3.89 -1.68
O MSE A 138 6.54 4.78 -2.53
CB MSE A 138 8.75 4.40 -0.59
CG MSE A 138 10.12 3.90 -0.06
SE MSE A 138 9.90 2.51 1.35
CE MSE A 138 9.14 3.66 2.70
N GLY A 139 5.52 3.40 -1.10
CA GLY A 139 4.16 3.85 -1.35
C GLY A 139 3.79 4.70 -0.11
N GLU A 140 3.54 6.01 -0.34
CA GLU A 140 3.43 6.95 0.78
C GLU A 140 2.47 8.11 0.47
N PRO A 141 1.79 8.62 1.53
CA PRO A 141 1.04 9.86 1.43
C PRO A 141 1.85 11.13 1.47
N PHE A 142 1.25 12.17 0.91
CA PHE A 142 1.83 13.52 0.90
C PHE A 142 0.66 14.50 0.78
N TRP A 143 0.88 15.80 0.96
CA TRP A 143 -0.20 16.78 0.75
C TRP A 143 -0.37 17.11 -0.74
N ARG A 144 -1.54 16.80 -1.28
CA ARG A 144 -1.94 17.24 -2.62
C ARG A 144 -2.12 18.75 -2.60
N LYS A 145 -2.69 19.25 -1.53
CA LYS A 145 -2.55 20.66 -1.18
C LYS A 145 -2.59 20.81 0.29
N LEU A 146 -2.15 21.96 0.73
CA LEU A 146 -1.87 22.16 2.11
C LEU A 146 -3.19 22.36 2.85
N PRO A 147 -3.45 21.57 3.89
CA PRO A 147 -4.70 21.82 4.60
C PRO A 147 -4.63 23.18 5.26
N THR A 148 -5.80 23.78 5.38
CA THR A 148 -5.98 25.10 5.91
C THR A 148 -5.99 25.05 7.43
N THR A 149 -6.30 23.87 8.00
CA THR A 149 -6.30 23.65 9.45
C THR A 149 -5.74 22.27 9.82
N GLU A 150 -5.17 22.18 11.04
CA GLU A 150 -4.73 20.91 11.66
C GLU A 150 -5.88 19.84 11.69
N ALA A 151 -7.12 20.29 11.86
CA ALA A 151 -8.29 19.40 11.87
C ALA A 151 -8.44 18.60 10.57
N VAL A 152 -8.19 19.23 9.44
CA VAL A 152 -8.19 18.46 8.15
C VAL A 152 -7.11 17.33 8.20
N ALA A 153 -5.94 17.68 8.77
CA ALA A 153 -4.83 16.71 8.97
C ALA A 153 -5.27 15.50 9.83
N LYS A 154 -5.90 15.78 10.96
CA LYS A 154 -6.43 14.72 11.82
C LYS A 154 -7.59 13.90 11.18
N ALA A 155 -8.33 14.53 10.28
CA ALA A 155 -9.35 13.82 9.52
C ALA A 155 -8.76 12.99 8.37
N CYS A 156 -7.48 13.22 8.03
CA CYS A 156 -6.69 12.44 7.06
C CYS A 156 -5.74 11.41 7.77
N HIS A 157 -5.99 11.08 9.03
CA HIS A 157 -5.23 10.06 9.77
C HIS A 157 -3.75 10.42 10.06
N ALA A 158 -3.42 11.73 10.02
CA ALA A 158 -2.14 12.32 10.53
C ALA A 158 -2.40 12.95 11.92
N ASN A 159 -1.37 13.32 12.66
CA ASN A 159 -1.57 14.10 13.91
C ASN A 159 -1.48 15.61 13.68
N THR A 160 -0.54 16.02 12.83
CA THR A 160 -0.29 17.42 12.54
C THR A 160 -0.05 17.59 11.04
N ILE A 161 -0.13 18.85 10.59
CA ILE A 161 0.17 19.15 9.20
C ILE A 161 1.60 18.75 8.87
N SER A 162 2.54 18.94 9.82
CA SER A 162 3.94 18.60 9.59
C SER A 162 4.21 17.10 9.37
N ASP A 163 3.21 16.20 9.57
CA ASP A 163 3.39 14.76 9.31
C ASP A 163 3.63 14.47 7.85
N PHE A 164 3.11 15.31 6.96
CA PHE A 164 3.25 15.13 5.50
C PHE A 164 3.78 16.41 4.89
N LEU A 165 4.25 16.29 3.66
CA LEU A 165 4.82 17.42 2.90
C LEU A 165 4.11 17.54 1.57
N LEU A 166 4.09 18.74 1.00
CA LEU A 166 3.67 18.91 -0.37
C LEU A 166 4.63 18.13 -1.28
N LEU A 167 4.16 17.73 -2.46
CA LEU A 167 4.97 16.88 -3.34
C LEU A 167 6.42 17.35 -3.63
N PRO A 168 6.64 18.65 -3.96
CA PRO A 168 8.04 19.04 -4.18
C PRO A 168 8.93 18.76 -2.95
N GLU A 169 8.45 19.11 -1.76
CA GLU A 169 9.22 18.93 -0.53
C GLU A 169 9.34 17.44 -0.20
N PHE A 170 8.32 16.68 -0.52
CA PHE A 170 8.36 15.22 -0.30
C PHE A 170 9.41 14.56 -1.21
N LEU A 171 9.38 14.91 -2.49
CA LEU A 171 10.44 14.48 -3.40
C LEU A 171 11.82 14.90 -2.94
N ALA A 172 11.94 16.15 -2.50
CA ALA A 172 13.19 16.64 -1.89
C ALA A 172 13.62 15.79 -0.70
N SER A 173 12.66 15.32 0.11
CA SER A 173 13.05 14.53 1.27
C SER A 173 13.77 13.22 0.87
N PHE A 174 13.36 12.55 -0.21
CA PHE A 174 14.10 11.38 -0.71
C PHE A 174 15.52 11.74 -1.19
N ARG A 175 15.63 12.84 -1.94
CA ARG A 175 16.95 13.36 -2.36
C ARG A 175 17.85 13.59 -1.16
N LYS A 176 17.30 14.24 -0.14
CA LYS A 176 18.06 14.55 1.11
C LYS A 176 18.44 13.29 1.89
N LEU A 177 17.69 12.22 1.75
CA LEU A 177 18.09 10.92 2.26
C LEU A 177 19.26 10.26 1.54
N GLY A 178 19.59 10.70 0.35
CA GLY A 178 20.66 10.06 -0.40
C GLY A 178 20.21 9.30 -1.61
N TYR A 179 18.95 9.46 -2.04
CA TYR A 179 18.37 8.66 -3.15
C TYR A 179 17.99 9.52 -4.30
N ASP A 180 18.19 9.02 -5.52
CA ASP A 180 17.54 9.60 -6.68
C ASP A 180 16.12 9.00 -6.76
N VAL A 181 15.14 9.86 -7.03
CA VAL A 181 13.84 9.41 -7.42
C VAL A 181 13.91 9.13 -8.91
N VAL A 182 13.72 7.88 -9.29
CA VAL A 182 13.85 7.49 -10.69
C VAL A 182 12.57 7.22 -11.42
N GLU A 183 11.46 7.12 -10.69
CA GLU A 183 10.14 6.97 -11.27
C GLU A 183 9.11 7.25 -10.21
N MSE A 184 7.88 7.50 -10.66
CA MSE A 184 6.76 7.63 -9.73
C MSE A 184 5.45 7.49 -10.43
O MSE A 184 5.31 7.93 -11.60
CB MSE A 184 6.75 8.92 -8.86
CG MSE A 184 6.60 10.10 -9.73
SE MSE A 184 6.68 11.85 -8.74
CE MSE A 184 5.89 12.97 -10.13
N VAL A 185 4.50 6.91 -9.70
CA VAL A 185 3.11 6.78 -10.18
C VAL A 185 2.25 7.23 -9.01
N LEU A 186 1.47 8.27 -9.23
CA LEU A 186 0.70 8.87 -8.18
C LEU A 186 -0.78 8.52 -8.27
N ALA A 187 -1.44 8.42 -7.11
CA ALA A 187 -2.90 8.38 -7.09
C ALA A 187 -3.46 9.65 -7.70
N ASP A 188 -4.66 9.54 -8.24
CA ASP A 188 -5.49 10.70 -8.55
C ASP A 188 -6.77 10.56 -7.73
N GLN A 189 -7.67 11.51 -7.86
CA GLN A 189 -8.88 11.45 -7.05
C GLN A 189 -9.74 10.21 -7.33
N ASP A 190 -9.75 9.75 -8.59
CA ASP A 190 -10.47 8.55 -8.95
C ASP A 190 -9.94 7.30 -8.31
N SER A 191 -8.62 7.22 -8.13
CA SER A 191 -8.05 6.06 -7.46
C SER A 191 -8.28 6.10 -5.97
N TRP A 192 -8.28 7.27 -5.37
CA TRP A 192 -8.70 7.41 -4.00
C TRP A 192 -10.17 6.97 -3.81
N ASP A 193 -11.02 7.34 -4.76
CA ASP A 193 -12.45 6.93 -4.70
C ASP A 193 -12.57 5.44 -4.66
N ARG A 194 -11.78 4.74 -5.51
CA ARG A 194 -11.79 3.27 -5.53
C ARG A 194 -11.45 2.63 -4.21
N TYR A 195 -10.39 3.12 -3.58
CA TYR A 195 -9.97 2.65 -2.29
C TYR A 195 -11.03 2.93 -1.16
N GLU A 196 -11.53 4.15 -1.07
CA GLU A 196 -12.42 4.56 0.00
C GLU A 196 -13.84 4.10 -0.21
N ALA A 197 -14.39 4.35 -1.39
CA ALA A 197 -15.79 4.04 -1.64
C ALA A 197 -16.13 2.58 -1.59
N ALA A 198 -15.20 1.75 -1.98
CA ALA A 198 -15.42 0.31 -1.92
C ALA A 198 -15.61 -0.15 -0.50
N LYS A 199 -15.01 0.55 0.47
CA LYS A 199 -15.21 0.18 1.87
C LYS A 199 -16.65 0.34 2.29
N TRP A 200 -17.37 1.30 1.69
CA TRP A 200 -18.72 1.59 2.13
C TRP A 200 -19.66 0.44 1.77
N LEU A 201 -19.54 -0.11 0.57
CA LEU A 201 -20.40 -1.21 0.17
C LEU A 201 -20.09 -2.45 1.02
N THR A 202 -18.79 -2.71 1.22
CA THR A 202 -18.37 -3.80 2.05
C THR A 202 -18.98 -3.69 3.48
N MSE A 203 -18.84 -2.53 4.09
CA MSE A 203 -19.36 -2.28 5.41
C MSE A 203 -20.84 -2.43 5.50
O MSE A 203 -21.34 -3.01 6.46
CB MSE A 203 -18.98 -0.90 5.91
CG MSE A 203 -17.55 -0.81 6.39
SE MSE A 203 -17.24 1.07 7.06
CE MSE A 203 -16.98 1.78 5.37
N ARG A 204 -21.59 -1.94 4.52
CA ARG A 204 -23.04 -2.05 4.57
C ARG A 204 -23.52 -3.48 4.47
N ARG A 205 -22.94 -4.24 3.52
N ARG A 205 -22.95 -4.22 3.50
CA ARG A 205 -23.26 -5.66 3.39
CA ARG A 205 -23.22 -5.65 3.33
C ARG A 205 -22.87 -6.44 4.63
C ARG A 205 -22.89 -6.41 4.63
N TRP A 206 -21.75 -6.10 5.25
CA TRP A 206 -21.38 -6.72 6.54
C TRP A 206 -22.40 -6.43 7.64
N LEU A 207 -22.80 -5.18 7.72
CA LEU A 207 -23.74 -4.71 8.73
C LEU A 207 -25.13 -5.37 8.63
N ASP A 208 -25.60 -5.48 7.39
CA ASP A 208 -26.84 -6.18 7.09
C ASP A 208 -26.75 -7.60 7.57
N ALA A 209 -25.61 -8.25 7.42
CA ALA A 209 -25.44 -9.63 7.86
C ALA A 209 -25.13 -9.82 9.35
N ASN A 210 -24.62 -8.79 10.02
CA ASN A 210 -24.10 -8.92 11.40
C ASN A 210 -24.70 -7.87 12.34
N PRO A 211 -26.04 -7.77 12.37
CA PRO A 211 -26.66 -6.70 13.16
C PRO A 211 -26.38 -6.75 14.68
N GLU A 212 -26.10 -7.93 15.22
CA GLU A 212 -25.80 -8.04 16.66
C GLU A 212 -24.33 -8.23 17.01
N ASP A 213 -23.44 -7.99 16.06
CA ASP A 213 -22.00 -8.07 16.33
C ASP A 213 -21.59 -6.92 17.24
N GLU A 214 -20.60 -7.19 18.07
CA GLU A 214 -20.04 -6.19 18.98
C GLU A 214 -19.53 -4.96 18.24
N LEU A 215 -19.03 -5.12 17.01
CA LEU A 215 -18.62 -3.99 16.16
C LEU A 215 -19.73 -3.28 15.30
N ALA A 216 -20.97 -3.78 15.29
CA ALA A 216 -22.04 -3.22 14.44
C ALA A 216 -22.29 -1.72 14.71
N GLU A 217 -22.24 -1.33 15.99
CA GLU A 217 -22.44 0.05 16.37
C GLU A 217 -21.34 0.95 15.77
N GLU A 218 -20.08 0.55 15.92
CA GLU A 218 -18.93 1.28 15.38
C GLU A 218 -18.97 1.40 13.84
N VAL A 219 -19.27 0.28 13.18
CA VAL A 219 -19.34 0.22 11.74
C VAL A 219 -20.48 1.10 11.17
N ARG A 220 -21.63 1.02 11.81
CA ARG A 220 -22.76 1.87 11.47
C ARG A 220 -22.35 3.34 11.56
N ALA A 221 -21.68 3.74 12.64
CA ALA A 221 -21.19 5.14 12.76
C ALA A 221 -20.19 5.55 11.64
N GLN A 222 -19.24 4.67 11.33
CA GLN A 222 -18.31 4.92 10.24
C GLN A 222 -19.00 5.07 8.86
N LEU A 223 -19.96 4.20 8.58
CA LEU A 223 -20.62 4.21 7.30
C LEU A 223 -21.40 5.51 7.06
N SER A 224 -22.09 5.95 8.11
CA SER A 224 -22.80 7.20 8.12
C SER A 224 -21.91 8.41 7.85
N SER A 225 -20.74 8.43 8.47
CA SER A 225 -19.89 9.64 8.43
C SER A 225 -18.86 9.65 7.32
N GLU A 226 -18.48 8.48 6.82
CA GLU A 226 -17.32 8.43 5.95
C GLU A 226 -17.40 9.19 4.61
N PRO A 227 -18.50 9.08 3.83
CA PRO A 227 -18.48 9.69 2.50
C PRO A 227 -18.19 11.20 2.63
N GLU A 228 -18.87 11.85 3.57
CA GLU A 228 -18.69 13.32 3.74
C GLU A 228 -17.36 13.66 4.27
N ARG A 229 -16.87 12.90 5.24
CA ARG A 229 -15.53 13.10 5.78
C ARG A 229 -14.48 12.97 4.65
N TYR A 230 -14.56 11.86 3.91
CA TYR A 230 -13.65 11.60 2.78
C TYR A 230 -13.69 12.76 1.76
N ALA A 231 -14.88 13.17 1.33
CA ALA A 231 -15.02 14.21 0.31
C ALA A 231 -14.49 15.59 0.79
N THR A 232 -14.75 15.92 2.05
CA THR A 232 -14.33 17.19 2.63
C THR A 232 -12.82 17.25 2.85
N ASN A 233 -12.24 16.14 3.31
CA ASN A 233 -10.84 16.11 3.78
C ASN A 233 -9.94 15.38 2.77
N THR A 234 -10.02 14.08 2.70
CA THR A 234 -9.06 13.33 1.94
C THR A 234 -9.06 13.70 0.47
N ARG A 235 -10.25 13.72 -0.16
CA ARG A 235 -10.29 13.77 -1.63
C ARG A 235 -9.59 14.99 -2.19
N GLU A 236 -9.69 16.13 -1.54
CA GLU A 236 -9.08 17.36 -1.96
C GLU A 236 -7.65 17.57 -1.49
N TYR A 237 -7.32 17.08 -0.29
CA TYR A 237 -6.07 17.42 0.37
C TYR A 237 -4.99 16.33 0.39
N LEU A 238 -5.39 15.06 0.36
CA LEU A 238 -4.43 14.01 0.59
C LEU A 238 -3.94 13.41 -0.72
N GLY A 239 -2.66 13.50 -0.95
CA GLY A 239 -2.02 12.81 -2.08
C GLY A 239 -1.47 11.43 -1.63
N TRP A 240 -1.16 10.61 -2.62
CA TRP A 240 -0.53 9.31 -2.38
C TRP A 240 0.19 8.88 -3.66
N GLY A 241 1.30 8.18 -3.49
CA GLY A 241 1.96 7.56 -4.64
C GLY A 241 2.99 6.58 -4.30
N VAL A 242 3.45 5.90 -5.36
CA VAL A 242 4.61 5.02 -5.28
C VAL A 242 5.81 5.66 -5.96
N PHE A 243 6.89 5.76 -5.19
CA PHE A 243 8.13 6.39 -5.56
C PHE A 243 9.22 5.34 -5.67
N ALA A 244 9.92 5.36 -6.79
CA ALA A 244 11.01 4.44 -7.08
C ALA A 244 12.32 5.13 -6.83
N LEU A 245 13.18 4.50 -6.04
CA LEU A 245 14.40 5.10 -5.48
C LEU A 245 15.62 4.26 -5.85
N MSE A 246 16.71 4.95 -6.18
CA MSE A 246 18.03 4.30 -6.26
C MSE A 246 19.06 5.14 -5.55
O MSE A 246 19.18 6.35 -5.80
CB MSE A 246 18.45 4.14 -7.72
CG MSE A 246 17.53 3.27 -8.51
SE MSE A 246 18.02 3.12 -10.45
CE MSE A 246 19.81 2.42 -10.10
N ALA A 247 19.82 4.50 -4.66
CA ALA A 247 20.83 5.19 -3.85
C ALA A 247 21.86 5.84 -4.75
N ARG A 248 22.18 7.11 -4.52
CA ARG A 248 23.32 7.72 -5.23
C ARG A 248 24.63 7.14 -4.68
N SAH B . 0.92 -3.20 -0.13
CA SAH B . -0.49 -3.73 0.00
CB SAH B . -1.02 -3.51 1.41
CG SAH B . -1.07 -2.06 1.94
SD SAH B . -2.04 -1.90 3.41
C SAH B . -1.44 -3.10 -1.00
O SAH B . -1.14 -2.02 -1.54
OXT SAH B . -2.51 -3.67 -1.32
C5' SAH B . -0.90 -2.17 4.80
C4' SAH B . -0.60 -3.66 4.94
O4' SAH B . 0.43 -3.86 5.94
C3' SAH B . -1.80 -4.53 5.38
O3' SAH B . -1.97 -5.57 4.42
C2' SAH B . -1.41 -5.09 6.76
O2' SAH B . -1.84 -6.44 6.93
C1' SAH B . 0.09 -5.05 6.66
N9 SAH B . 0.90 -5.02 7.89
C8 SAH B . 0.70 -4.21 8.98
N7 SAH B . 1.66 -4.39 9.86
C5 SAH B . 2.51 -5.34 9.30
C6 SAH B . 3.71 -5.97 9.76
N6 SAH B . 4.24 -5.64 10.96
N1 SAH B . 4.33 -6.87 8.96
C2 SAH B . 3.76 -7.18 7.77
N3 SAH B . 2.63 -6.67 7.26
C4 SAH B . 2.04 -5.73 8.08
NA NA C . -5.63 11.05 -13.81
#